data_5DQF
#
_entry.id   5DQF
#
_cell.length_a   94.234
_cell.length_b   94.234
_cell.length_c   141.893
_cell.angle_alpha   90.000
_cell.angle_beta   90.000
_cell.angle_gamma   120.000
#
_symmetry.space_group_name_H-M   'P 61'
#
loop_
_entity.id
_entity.type
_entity.pdbx_description
1 polymer 'Serum albumin'
2 non-polymer 'TETRAETHYLENE GLYCOL'
3 non-polymer 'SULFATE ION'
4 non-polymer '(2-{4-[(R)-(4-chlorophenyl)(phenyl)methyl]piperazin-1-yl}ethoxy)acetic acid'
5 non-polymer '(2-{4-[(S)-(4-chlorophenyl)(phenyl)methyl]piperazin-1-yl}ethoxy)acetic acid'
6 non-polymer 'CHLORIDE ION'
7 water water
#
_entity_poly.entity_id   1
_entity_poly.type   'polypeptide(L)'
_entity_poly.pdbx_seq_one_letter_code
;KSEIAHRFNDLGEKHFKGLVLVAFSQYLQQCPFEDHVKLVNEVTEFAKKCAADESAENCDKSLHTLFGDKLCTVATLRAT
YGELADCCEKQEPERNECFLTHKDDHPNLPKLKPEPDAQCAAFQEDPDKFLGKYLYEVARRHPYFYGPELLFHAEEYKAD
FTECCPADDKLACLIPKLDALKERILLSSAKERLKCSSFQNFGERAVKAWSVARLSQKFPKADFAEVSKIVTDLTKVHKE
CCHGDLLECADDRADLAKYICEHQDSISGKLKACCDKPLLQKSHCIAEVKEDDLPSDLPALAADFAEDKEICKHYKDAKD
VFLGTFLYEYSRRHPDYSVSLLLRIAKTYEATLEKCCAEADPPACYRTVFDQFTPLVEEPKSLVKKNCDLFEEVGEYDFQ
NALIVRYTKKAPQVSTPTLVEIGRTLGKVGSRCCKLPESERLPCSENHLALALNRLCVLHEKTPVSEKITKCCTDSLAER
RPCFSALELDEGYVPKEFKAETFTFHADICTLPEDEKQIKKQSALAELVKHKPKATKEQLKTVLGNFSAFVAKCCGAEDK
EACFAEEGPKLVASSQLALA
;
_entity_poly.pdbx_strand_id   A
#
# COMPACT_ATOMS: atom_id res chain seq x y z
N LYS A 1 27.12 -24.01 -0.31
CA LYS A 1 27.50 -24.55 1.03
C LYS A 1 26.86 -23.73 2.18
N SER A 2 27.28 -22.46 2.30
CA SER A 2 26.78 -21.54 3.35
C SER A 2 25.96 -20.40 2.74
N GLU A 3 24.66 -20.46 2.95
CA GLU A 3 23.74 -19.44 2.44
C GLU A 3 24.05 -18.05 3.01
N ILE A 4 24.37 -17.99 4.30
CA ILE A 4 24.68 -16.73 4.92
C ILE A 4 25.93 -16.08 4.30
N ALA A 5 26.93 -16.89 3.97
CA ALA A 5 28.13 -16.43 3.25
C ALA A 5 27.78 -16.01 1.84
N HIS A 6 27.03 -16.84 1.15
CA HIS A 6 26.60 -16.55 -0.21
C HIS A 6 25.93 -15.16 -0.29
N ARG A 7 25.00 -14.86 0.62
CA ARG A 7 24.30 -13.56 0.60
C ARG A 7 25.22 -12.40 1.02
N PHE A 8 26.05 -12.61 2.04
CA PHE A 8 27.05 -11.62 2.45
C PHE A 8 27.94 -11.22 1.28
N ASN A 9 28.44 -12.23 0.59
CA ASN A 9 29.27 -12.04 -0.60
C ASN A 9 28.53 -11.31 -1.70
N ASP A 10 27.30 -11.72 -2.00
CA ASP A 10 26.51 -11.07 -3.08
C ASP A 10 26.18 -9.62 -2.80
N LEU A 11 25.78 -9.33 -1.56
CA LEU A 11 25.21 -8.03 -1.24
C LEU A 11 26.20 -7.04 -0.75
N GLY A 12 27.27 -7.52 -0.11
CA GLY A 12 28.21 -6.66 0.57
C GLY A 12 27.71 -6.33 1.96
N GLU A 13 28.65 -5.94 2.81
CA GLU A 13 28.40 -5.71 4.25
C GLU A 13 27.34 -4.63 4.52
N LYS A 14 27.47 -3.50 3.85
CA LYS A 14 26.53 -2.40 4.00
C LYS A 14 25.06 -2.85 3.78
N HIS A 15 24.77 -3.40 2.62
CA HIS A 15 23.43 -3.79 2.30
C HIS A 15 23.02 -5.02 3.14
N PHE A 16 23.93 -5.96 3.39
CA PHE A 16 23.62 -7.12 4.27
C PHE A 16 23.17 -6.66 5.64
N LYS A 17 23.99 -5.81 6.26
CA LYS A 17 23.65 -5.28 7.57
C LYS A 17 22.36 -4.48 7.58
N GLY A 18 22.19 -3.56 6.61
CA GLY A 18 20.96 -2.83 6.49
C GLY A 18 19.71 -3.72 6.44
N LEU A 19 19.74 -4.71 5.56
CA LEU A 19 18.59 -5.58 5.34
C LEU A 19 18.32 -6.44 6.55
N VAL A 20 19.37 -6.94 7.21
CA VAL A 20 19.20 -7.73 8.44
C VAL A 20 18.53 -6.86 9.53
N LEU A 21 18.95 -5.60 9.65
CA LEU A 21 18.31 -4.72 10.62
C LEU A 21 16.82 -4.52 10.27
N VAL A 22 16.54 -4.35 8.99
CA VAL A 22 15.15 -4.25 8.55
C VAL A 22 14.37 -5.51 8.95
N ALA A 23 14.83 -6.67 8.50
CA ALA A 23 14.20 -7.98 8.83
C ALA A 23 13.84 -8.11 10.33
N PHE A 24 14.83 -7.84 11.17
CA PHE A 24 14.66 -7.94 12.61
C PHE A 24 13.71 -6.88 13.17
N SER A 25 13.83 -5.63 12.70
CA SER A 25 12.93 -4.55 13.13
C SER A 25 11.47 -4.85 12.78
N GLN A 26 11.26 -5.51 11.65
CA GLN A 26 9.93 -5.82 11.19
C GLN A 26 9.32 -6.97 11.98
N TYR A 27 10.14 -7.98 12.29
CA TYR A 27 9.70 -9.11 13.11
C TYR A 27 9.48 -8.69 14.58
N LEU A 28 10.43 -7.91 15.14
CA LEU A 28 10.41 -7.44 16.55
C LEU A 28 10.29 -5.92 16.70
N GLN A 29 9.05 -5.44 16.66
CA GLN A 29 8.78 -4.02 16.43
C GLN A 29 8.95 -3.12 17.67
N GLN A 30 9.00 -3.73 18.86
CA GLN A 30 9.03 -2.98 20.13
C GLN A 30 10.41 -2.77 20.79
N CYS A 31 11.43 -3.55 20.40
CA CYS A 31 12.75 -3.48 21.05
C CYS A 31 13.44 -2.16 20.76
N PRO A 32 14.39 -1.74 21.62
CA PRO A 32 15.09 -0.51 21.29
C PRO A 32 16.04 -0.70 20.11
N PHE A 33 16.43 0.40 19.50
CA PHE A 33 17.32 0.37 18.36
C PHE A 33 18.65 -0.28 18.71
N GLU A 34 19.22 0.11 19.85
CA GLU A 34 20.51 -0.40 20.32
C GLU A 34 20.54 -1.93 20.48
N ASP A 35 19.42 -2.54 20.86
CA ASP A 35 19.38 -4.00 20.99
C ASP A 35 19.39 -4.70 19.62
N HIS A 36 18.70 -4.12 18.63
CA HIS A 36 18.72 -4.70 17.28
C HIS A 36 20.11 -4.59 16.63
N VAL A 37 20.82 -3.50 16.89
CA VAL A 37 22.19 -3.32 16.41
C VAL A 37 23.05 -4.51 16.81
N LYS A 38 22.87 -5.01 18.04
CA LYS A 38 23.73 -6.08 18.57
C LYS A 38 23.45 -7.39 17.87
N LEU A 39 22.17 -7.69 17.66
CA LEU A 39 21.81 -8.91 16.94
C LEU A 39 22.37 -8.87 15.51
N VAL A 40 22.33 -7.69 14.89
CA VAL A 40 22.79 -7.52 13.52
C VAL A 40 24.31 -7.71 13.47
N ASN A 41 25.02 -7.07 14.38
CA ASN A 41 26.46 -7.21 14.46
C ASN A 41 26.88 -8.66 14.67
N GLU A 42 26.16 -9.39 15.50
CA GLU A 42 26.47 -10.81 15.74
C GLU A 42 26.26 -11.67 14.51
N VAL A 43 25.08 -11.51 13.89
CA VAL A 43 24.76 -12.18 12.64
C VAL A 43 25.82 -11.87 11.57
N THR A 44 26.24 -10.62 11.48
CA THR A 44 27.23 -10.20 10.48
C THR A 44 28.59 -10.81 10.76
N GLU A 45 29.03 -10.74 12.01
CA GLU A 45 30.24 -11.42 12.46
C GLU A 45 30.23 -12.89 12.04
N PHE A 46 29.11 -13.56 12.26
CA PHE A 46 29.00 -14.98 11.88
C PHE A 46 29.08 -15.19 10.36
N ALA A 47 28.50 -14.27 9.61
CA ALA A 47 28.55 -14.32 8.16
C ALA A 47 29.98 -14.18 7.66
N LYS A 48 30.72 -13.25 8.27
CA LYS A 48 32.14 -13.09 7.95
C LYS A 48 32.93 -14.34 8.28
N LYS A 49 32.67 -14.94 9.43
CA LYS A 49 33.36 -16.21 9.79
C LYS A 49 33.05 -17.25 8.73
N CYS A 50 31.77 -17.39 8.39
CA CYS A 50 31.38 -18.39 7.39
C CYS A 50 31.96 -18.09 6.01
N ALA A 51 32.05 -16.81 5.64
CA ALA A 51 32.64 -16.44 4.34
C ALA A 51 34.09 -16.88 4.24
N ALA A 52 34.80 -16.89 5.36
CA ALA A 52 36.20 -17.30 5.41
C ALA A 52 36.34 -18.81 5.35
N ASP A 53 35.37 -19.52 5.87
CA ASP A 53 35.37 -20.98 5.80
C ASP A 53 33.93 -21.49 5.93
N GLU A 54 33.37 -21.93 4.81
CA GLU A 54 31.98 -22.34 4.70
C GLU A 54 31.69 -23.73 5.30
N SER A 55 32.75 -24.50 5.57
CA SER A 55 32.65 -25.82 6.19
C SER A 55 32.63 -25.76 7.72
N ALA A 56 32.88 -24.59 8.32
CA ALA A 56 32.80 -24.44 9.78
C ALA A 56 31.39 -24.75 10.29
N GLU A 57 31.27 -25.19 11.54
CA GLU A 57 29.99 -25.68 12.05
C GLU A 57 28.91 -24.60 12.05
N ASN A 58 27.67 -25.02 11.78
CA ASN A 58 26.51 -24.14 11.69
C ASN A 58 26.48 -23.22 10.49
N CYS A 59 27.57 -23.13 9.73
CA CYS A 59 27.64 -22.24 8.55
C CYS A 59 26.70 -22.66 7.45
N ASP A 60 26.44 -23.98 7.38
CA ASP A 60 25.54 -24.56 6.39
C ASP A 60 24.07 -24.56 6.79
N LYS A 61 23.74 -23.95 7.94
CA LYS A 61 22.35 -23.80 8.35
C LYS A 61 21.60 -22.84 7.44
N SER A 62 20.30 -23.03 7.39
CA SER A 62 19.44 -22.15 6.61
C SER A 62 19.39 -20.79 7.31
N LEU A 63 19.04 -19.78 6.53
CA LEU A 63 18.93 -18.43 7.04
C LEU A 63 17.82 -18.31 8.08
N HIS A 64 16.73 -19.02 7.86
CA HIS A 64 15.65 -19.09 8.83
C HIS A 64 16.03 -19.75 10.09
N THR A 65 16.80 -20.83 10.01
CA THR A 65 17.30 -21.40 11.22
C THR A 65 18.14 -20.35 11.96
N LEU A 66 19.12 -19.75 11.25
CA LEU A 66 20.07 -18.87 11.91
C LEU A 66 19.39 -17.61 12.46
N PHE A 67 18.51 -17.01 11.66
CA PHE A 67 17.89 -15.76 12.06
C PHE A 67 16.78 -15.97 13.09
N GLY A 68 15.95 -16.99 12.90
CA GLY A 68 14.99 -17.38 13.90
C GLY A 68 15.65 -17.66 15.24
N ASP A 69 16.78 -18.38 15.23
CA ASP A 69 17.55 -18.61 16.45
C ASP A 69 17.96 -17.29 17.10
N LYS A 70 18.46 -16.36 16.29
CA LYS A 70 18.86 -15.06 16.80
C LYS A 70 17.69 -14.30 17.43
N LEU A 71 16.57 -14.23 16.74
CA LEU A 71 15.37 -13.58 17.29
C LEU A 71 14.95 -14.17 18.64
N CYS A 72 14.97 -15.49 18.74
CA CYS A 72 14.57 -16.19 19.95
C CYS A 72 15.53 -16.04 21.14
N THR A 73 16.72 -15.50 20.94
CA THR A 73 17.62 -15.18 22.07
C THR A 73 17.25 -13.89 22.80
N VAL A 74 16.39 -13.04 22.21
CA VAL A 74 16.24 -11.65 22.67
C VAL A 74 15.65 -11.56 24.08
N ALA A 75 16.20 -10.66 24.88
CA ALA A 75 15.79 -10.48 26.27
C ALA A 75 14.33 -10.03 26.36
N THR A 76 13.64 -10.48 27.40
CA THR A 76 12.25 -10.11 27.68
C THR A 76 11.25 -10.47 26.55
N LEU A 77 11.55 -11.54 25.80
CA LEU A 77 10.68 -12.01 24.69
C LEU A 77 9.26 -12.40 25.15
N ARG A 78 9.15 -13.13 26.27
CA ARG A 78 7.83 -13.50 26.85
C ARG A 78 6.99 -12.27 27.24
N ALA A 79 7.63 -11.33 27.94
CA ALA A 79 6.95 -10.13 28.46
C ALA A 79 6.58 -9.17 27.33
N THR A 80 7.48 -8.96 26.39
CA THR A 80 7.24 -8.00 25.32
C THR A 80 6.35 -8.57 24.21
N TYR A 81 6.69 -9.76 23.72
CA TYR A 81 5.97 -10.44 22.62
C TYR A 81 5.58 -11.85 23.05
N GLY A 82 4.53 -11.95 23.86
CA GLY A 82 4.02 -13.24 24.34
C GLY A 82 3.81 -14.24 23.21
N GLU A 83 3.32 -13.73 22.07
CA GLU A 83 3.02 -14.54 20.90
C GLU A 83 4.29 -15.11 20.30
N LEU A 84 5.33 -14.30 20.20
CA LEU A 84 6.55 -14.71 19.54
C LEU A 84 7.33 -15.75 20.32
N ALA A 85 7.30 -15.67 21.64
CA ALA A 85 7.89 -16.73 22.49
C ALA A 85 7.33 -18.12 22.13
N ASP A 86 6.01 -18.19 21.91
CA ASP A 86 5.35 -19.43 21.47
C ASP A 86 5.98 -19.96 20.18
N CYS A 87 6.21 -19.06 19.22
CA CYS A 87 6.85 -19.42 17.97
C CYS A 87 8.22 -20.05 18.19
N CYS A 88 8.94 -19.57 19.21
CA CYS A 88 10.29 -20.05 19.50
C CYS A 88 10.39 -21.49 20.03
N GLU A 89 9.25 -22.10 20.35
CA GLU A 89 9.22 -23.51 20.73
C GLU A 89 9.18 -24.43 19.50
N LYS A 90 8.99 -23.85 18.31
CA LYS A 90 8.85 -24.61 17.06
C LYS A 90 10.15 -24.64 16.28
N GLN A 91 10.28 -25.66 15.43
CA GLN A 91 11.39 -25.76 14.48
C GLN A 91 10.97 -25.07 13.17
N GLU A 92 11.92 -24.92 12.26
CA GLU A 92 11.64 -24.42 10.91
C GLU A 92 11.14 -25.56 10.02
N PRO A 93 10.25 -25.30 9.06
CA PRO A 93 9.68 -23.96 8.75
C PRO A 93 8.46 -23.54 9.59
N GLU A 94 8.03 -24.36 10.55
CA GLU A 94 6.87 -23.98 11.36
C GLU A 94 7.11 -22.68 12.13
N ARG A 95 8.32 -22.51 12.65
CA ARG A 95 8.66 -21.33 13.42
C ARG A 95 8.48 -20.04 12.61
N ASN A 96 9.03 -20.02 11.40
CA ASN A 96 8.97 -18.83 10.54
C ASN A 96 7.53 -18.52 10.16
N GLU A 97 6.79 -19.58 9.84
CA GLU A 97 5.35 -19.48 9.54
C GLU A 97 4.61 -18.81 10.72
N CYS A 98 4.98 -19.23 11.93
CA CYS A 98 4.46 -18.61 13.15
C CYS A 98 4.89 -17.14 13.26
N PHE A 99 6.18 -16.84 13.03
CA PHE A 99 6.62 -15.45 13.01
C PHE A 99 5.79 -14.60 12.03
N LEU A 100 5.62 -15.11 10.81
CA LEU A 100 4.79 -14.42 9.81
C LEU A 100 3.35 -14.18 10.24
N THR A 101 2.71 -15.23 10.75
CA THR A 101 1.32 -15.10 11.25
C THR A 101 1.18 -13.96 12.26
N HIS A 102 2.24 -13.70 13.05
CA HIS A 102 2.15 -12.76 14.17
C HIS A 102 2.78 -11.35 14.02
N LYS A 103 3.11 -10.90 12.80
CA LYS A 103 3.49 -9.49 12.56
C LYS A 103 2.35 -8.48 12.78
N ASP A 104 2.65 -7.29 13.29
CA ASP A 104 1.63 -6.28 13.62
C ASP A 104 1.60 -5.08 12.66
N ASP A 105 0.48 -4.92 11.95
CA ASP A 105 0.29 -3.82 10.98
C ASP A 105 -0.11 -2.45 11.53
N HIS A 106 -0.49 -2.38 12.81
CA HIS A 106 -0.94 -1.12 13.40
C HIS A 106 -0.41 -1.02 14.83
N PRO A 107 0.93 -1.04 14.99
CA PRO A 107 1.52 -1.01 16.34
C PRO A 107 1.33 0.30 17.14
N ASN A 108 0.79 1.36 16.52
CA ASN A 108 0.36 2.58 17.23
C ASN A 108 1.50 3.36 17.91
N LEU A 109 2.71 3.24 17.37
CA LEU A 109 3.89 3.90 17.91
C LEU A 109 3.82 5.39 17.61
N PRO A 110 4.52 6.22 18.41
CA PRO A 110 4.40 7.66 18.21
C PRO A 110 4.80 8.13 16.80
N LYS A 111 4.15 9.18 16.32
CA LYS A 111 4.44 9.73 14.99
C LYS A 111 5.87 10.25 14.94
N LEU A 112 6.52 10.01 13.80
CA LEU A 112 7.89 10.43 13.56
C LEU A 112 7.90 11.94 13.27
N LYS A 113 8.45 12.71 14.22
CA LYS A 113 8.42 14.18 14.19
C LYS A 113 9.82 14.75 13.95
N PRO A 114 10.04 15.43 12.80
CA PRO A 114 11.35 16.06 12.52
C PRO A 114 11.81 17.13 13.52
N GLU A 115 12.98 16.93 14.13
CA GLU A 115 13.63 17.93 14.99
C GLU A 115 14.94 18.40 14.33
N PRO A 116 14.88 19.37 13.39
CA PRO A 116 16.05 19.64 12.53
C PRO A 116 17.39 19.85 13.22
N ASP A 117 17.38 20.49 14.40
CA ASP A 117 18.64 20.76 15.11
C ASP A 117 19.25 19.51 15.75
N ALA A 118 18.46 18.79 16.54
CA ALA A 118 18.96 17.59 17.23
C ALA A 118 19.28 16.43 16.26
N GLN A 119 18.56 16.36 15.13
CA GLN A 119 18.79 15.31 14.14
C GLN A 119 20.05 15.60 13.33
N CYS A 120 20.20 16.82 12.84
CA CYS A 120 21.43 17.25 12.17
C CYS A 120 22.63 17.07 13.09
N ALA A 121 22.42 17.32 14.38
CA ALA A 121 23.42 17.06 15.43
C ALA A 121 23.80 15.58 15.48
N ALA A 122 22.78 14.71 15.57
CA ALA A 122 23.00 13.26 15.58
C ALA A 122 23.64 12.73 14.27
N PHE A 123 23.18 13.25 13.13
CA PHE A 123 23.78 12.95 11.82
C PHE A 123 25.29 13.23 11.69
N GLN A 124 25.70 14.39 12.19
CA GLN A 124 27.11 14.79 12.19
C GLN A 124 27.89 13.95 13.19
N GLU A 125 27.29 13.79 14.38
CA GLU A 125 27.86 13.01 15.48
C GLU A 125 28.16 11.57 15.11
N ASP A 126 27.20 10.93 14.44
CA ASP A 126 27.34 9.52 14.05
C ASP A 126 26.41 9.18 12.85
N PRO A 127 26.87 9.44 11.61
CA PRO A 127 25.98 9.25 10.45
C PRO A 127 25.46 7.82 10.32
N ASP A 128 26.35 6.83 10.52
CA ASP A 128 25.94 5.43 10.42
C ASP A 128 24.86 5.04 11.42
N LYS A 129 25.01 5.48 12.67
CA LYS A 129 23.95 5.22 13.66
C LYS A 129 22.64 5.93 13.30
N PHE A 130 22.76 7.16 12.80
CA PHE A 130 21.63 8.01 12.41
C PHE A 130 20.82 7.40 11.26
N LEU A 131 21.51 6.83 10.27
CA LEU A 131 20.82 6.21 9.14
C LEU A 131 20.25 4.84 9.52
N GLY A 132 20.96 4.07 10.34
CA GLY A 132 20.44 2.79 10.80
C GLY A 132 19.16 2.96 11.58
N LYS A 133 19.12 3.98 12.44
CA LYS A 133 17.97 4.32 13.25
C LYS A 133 16.77 4.62 12.34
N TYR A 134 17.03 5.29 11.21
CA TYR A 134 15.98 5.55 10.24
C TYR A 134 15.42 4.26 9.65
N LEU A 135 16.29 3.33 9.25
CA LEU A 135 15.86 2.00 8.81
C LEU A 135 14.94 1.33 9.84
N TYR A 136 15.42 1.28 11.07
CA TYR A 136 14.73 0.68 12.22
C TYR A 136 13.33 1.27 12.46
N GLU A 137 13.24 2.61 12.47
CA GLU A 137 12.00 3.31 12.82
C GLU A 137 10.92 3.07 11.81
N VAL A 138 11.31 3.09 10.53
CA VAL A 138 10.39 2.90 9.43
C VAL A 138 10.01 1.44 9.33
N ALA A 139 11.01 0.57 9.43
CA ALA A 139 10.80 -0.88 9.37
C ALA A 139 9.85 -1.40 10.45
N ARG A 140 10.03 -0.97 11.70
CA ARG A 140 9.11 -1.41 12.75
C ARG A 140 7.67 -0.83 12.61
N ARG A 141 7.55 0.32 11.94
CA ARG A 141 6.25 0.90 11.64
C ARG A 141 5.60 0.31 10.38
N HIS A 142 6.35 -0.43 9.56
CA HIS A 142 5.82 -0.95 8.30
C HIS A 142 6.43 -2.33 8.12
N PRO A 143 5.85 -3.34 8.78
CA PRO A 143 6.51 -4.63 8.87
C PRO A 143 6.64 -5.42 7.55
N TYR A 144 5.95 -4.98 6.49
CA TYR A 144 6.01 -5.59 5.16
C TYR A 144 6.65 -4.66 4.12
N PHE A 145 7.23 -3.55 4.59
CA PHE A 145 7.94 -2.63 3.71
C PHE A 145 8.99 -3.42 2.91
N TYR A 146 9.00 -3.14 1.61
CA TYR A 146 9.85 -3.79 0.63
C TYR A 146 11.30 -3.44 1.00
N GLY A 147 12.04 -4.42 1.50
CA GLY A 147 13.34 -4.21 2.11
C GLY A 147 14.31 -3.32 1.32
N PRO A 148 14.65 -3.70 0.06
CA PRO A 148 15.63 -2.95 -0.74
C PRO A 148 15.20 -1.50 -0.99
N GLU A 149 13.88 -1.30 -1.16
CA GLU A 149 13.31 0.03 -1.33
C GLU A 149 13.52 0.89 -0.10
N LEU A 150 13.47 0.28 1.09
CA LEU A 150 13.78 1.03 2.32
C LEU A 150 15.24 1.49 2.34
N LEU A 151 16.17 0.66 1.85
CA LEU A 151 17.58 1.09 1.74
C LEU A 151 17.70 2.24 0.76
N PHE A 152 16.93 2.21 -0.32
CA PHE A 152 16.91 3.32 -1.28
C PHE A 152 16.48 4.60 -0.57
N HIS A 153 15.36 4.53 0.15
CA HIS A 153 14.83 5.71 0.80
C HIS A 153 15.75 6.24 1.89
N ALA A 154 16.47 5.33 2.54
CA ALA A 154 17.49 5.74 3.51
C ALA A 154 18.58 6.62 2.88
N GLU A 155 18.94 6.36 1.63
CA GLU A 155 19.96 7.15 0.94
C GLU A 155 19.43 8.54 0.56
N GLU A 156 18.14 8.63 0.28
CA GLU A 156 17.49 9.93 0.07
C GLU A 156 17.49 10.72 1.36
N TYR A 157 17.12 10.03 2.43
CA TYR A 157 17.11 10.58 3.78
C TYR A 157 18.51 11.13 4.08
N LYS A 158 19.54 10.37 3.73
CA LYS A 158 20.93 10.82 3.86
C LYS A 158 21.22 12.08 3.02
N ALA A 159 20.80 12.07 1.75
CA ALA A 159 20.98 13.24 0.87
C ALA A 159 20.32 14.49 1.43
N ASP A 160 19.11 14.34 1.99
CA ASP A 160 18.40 15.48 2.60
C ASP A 160 19.22 16.13 3.74
N PHE A 161 19.77 15.31 4.63
CA PHE A 161 20.56 15.83 5.76
C PHE A 161 21.92 16.43 5.33
N THR A 162 22.59 15.78 4.37
CA THR A 162 23.84 16.32 3.81
C THR A 162 23.64 17.69 3.15
N GLU A 163 22.54 17.86 2.43
CA GLU A 163 22.22 19.15 1.79
C GLU A 163 21.81 20.22 2.78
N CYS A 164 21.00 19.85 3.79
CA CYS A 164 20.26 20.84 4.57
C CYS A 164 20.85 21.24 5.92
N CYS A 165 21.73 20.42 6.50
CA CYS A 165 22.38 20.78 7.78
C CYS A 165 23.43 21.90 7.68
N PRO A 166 24.27 21.91 6.60
CA PRO A 166 25.23 23.03 6.47
C PRO A 166 24.61 24.40 6.15
N ALA A 167 23.39 24.40 5.59
CA ALA A 167 22.69 25.63 5.19
C ALA A 167 22.33 26.55 6.37
N ASP A 168 21.94 27.79 6.03
CA ASP A 168 21.58 28.79 7.04
C ASP A 168 20.30 28.41 7.77
N ASP A 169 19.22 28.21 7.01
CA ASP A 169 17.94 27.77 7.60
C ASP A 169 17.76 26.25 7.43
N LYS A 170 17.78 25.52 8.55
CA LYS A 170 17.67 24.05 8.52
C LYS A 170 16.27 23.59 8.18
N LEU A 171 15.30 24.02 9.00
CA LEU A 171 13.91 23.59 8.88
C LEU A 171 13.27 23.89 7.52
N ALA A 172 13.61 25.04 6.92
CA ALA A 172 13.06 25.43 5.61
C ALA A 172 13.58 24.56 4.48
N CYS A 173 14.86 24.17 4.60
CA CYS A 173 15.44 23.19 3.69
C CYS A 173 14.85 21.79 3.96
N LEU A 174 14.86 21.37 5.22
CA LEU A 174 14.54 20.00 5.61
C LEU A 174 13.06 19.61 5.54
N ILE A 175 12.22 20.33 6.29
CA ILE A 175 10.83 19.92 6.51
C ILE A 175 10.02 19.67 5.22
N PRO A 176 10.22 20.47 4.15
CA PRO A 176 9.60 20.06 2.88
C PRO A 176 10.14 18.74 2.29
N LYS A 177 11.45 18.52 2.39
CA LYS A 177 12.03 17.28 1.89
C LYS A 177 11.59 16.06 2.70
N LEU A 178 11.57 16.17 4.02
CA LEU A 178 11.16 15.07 4.89
C LEU A 178 9.65 14.77 4.83
N ASP A 179 8.84 15.81 4.63
CA ASP A 179 7.39 15.62 4.41
C ASP A 179 7.10 14.88 3.10
N ALA A 180 7.85 15.25 2.05
CA ALA A 180 7.76 14.56 0.77
C ALA A 180 8.26 13.12 0.90
N LEU A 181 9.39 12.93 1.57
CA LEU A 181 9.91 11.59 1.86
C LEU A 181 8.87 10.72 2.60
N LYS A 182 8.29 11.28 3.66
CA LYS A 182 7.27 10.54 4.41
C LYS A 182 6.13 10.09 3.50
N GLU A 183 5.63 10.99 2.64
CA GLU A 183 4.53 10.62 1.74
C GLU A 183 4.93 9.45 0.84
N ARG A 184 6.16 9.46 0.35
CA ARG A 184 6.66 8.41 -0.54
C ARG A 184 6.83 7.10 0.20
N ILE A 185 7.20 7.18 1.47
CA ILE A 185 7.27 6.01 2.34
C ILE A 185 5.86 5.39 2.48
N LEU A 186 4.84 6.22 2.70
CA LEU A 186 3.46 5.73 2.87
C LEU A 186 2.93 5.06 1.62
N LEU A 187 3.10 5.71 0.48
CA LEU A 187 2.65 5.15 -0.78
C LEU A 187 3.32 3.80 -1.04
N SER A 188 4.62 3.80 -0.87
CA SER A 188 5.42 2.61 -1.11
C SER A 188 5.03 1.44 -0.21
N SER A 189 4.90 1.74 1.08
CA SER A 189 4.42 0.75 2.03
C SER A 189 3.04 0.20 1.62
N ALA A 190 2.15 1.06 1.12
CA ALA A 190 0.81 0.60 0.72
C ALA A 190 0.85 -0.33 -0.47
N LYS A 191 1.75 -0.06 -1.43
CA LYS A 191 1.85 -0.86 -2.66
C LYS A 191 2.33 -2.26 -2.36
N GLU A 192 3.41 -2.31 -1.59
CA GLU A 192 3.95 -3.58 -1.16
C GLU A 192 3.01 -4.35 -0.28
N ARG A 193 2.36 -3.68 0.66
CA ARG A 193 1.37 -4.39 1.51
C ARG A 193 0.26 -5.03 0.66
N LEU A 194 -0.15 -4.38 -0.43
CA LEU A 194 -1.15 -5.00 -1.34
C LEU A 194 -0.60 -6.28 -1.94
N LYS A 195 0.68 -6.25 -2.31
CA LYS A 195 1.33 -7.45 -2.85
C LYS A 195 1.32 -8.58 -1.83
N CYS A 196 1.72 -8.30 -0.59
CA CYS A 196 1.79 -9.37 0.44
C CYS A 196 0.38 -9.86 0.78
N SER A 197 -0.56 -8.93 0.94
CA SER A 197 -1.99 -9.25 1.12
C SER A 197 -2.52 -10.17 0.06
N SER A 198 -2.10 -9.92 -1.19
CA SER A 198 -2.58 -10.69 -2.31
C SER A 198 -2.00 -12.09 -2.23
N PHE A 199 -0.71 -12.24 -1.94
CA PHE A 199 -0.17 -13.60 -1.66
C PHE A 199 -0.98 -14.29 -0.56
N GLN A 200 -1.12 -13.62 0.58
CA GLN A 200 -1.72 -14.20 1.78
C GLN A 200 -3.16 -14.67 1.52
N ASN A 201 -3.98 -13.77 1.01
CA ASN A 201 -5.43 -13.97 0.93
C ASN A 201 -5.98 -14.54 -0.36
N PHE A 202 -5.20 -14.44 -1.43
CA PHE A 202 -5.63 -14.85 -2.76
C PHE A 202 -4.60 -15.71 -3.52
N GLY A 203 -3.36 -15.75 -3.04
CA GLY A 203 -2.40 -16.70 -3.56
C GLY A 203 -1.60 -16.12 -4.70
N GLU A 204 -0.65 -16.94 -5.14
CA GLU A 204 0.38 -16.55 -6.07
C GLU A 204 -0.15 -16.24 -7.48
N ARG A 205 -1.18 -16.98 -7.90
CA ARG A 205 -1.87 -16.74 -9.15
C ARG A 205 -2.44 -15.31 -9.26
N ALA A 206 -2.98 -14.79 -8.16
CA ALA A 206 -3.52 -13.43 -8.14
C ALA A 206 -2.44 -12.40 -8.29
N VAL A 207 -1.29 -12.63 -7.65
CA VAL A 207 -0.15 -11.72 -7.79
C VAL A 207 0.38 -11.75 -9.23
N LYS A 208 0.47 -12.95 -9.80
CA LYS A 208 0.95 -13.10 -11.17
C LYS A 208 0.01 -12.37 -12.14
N ALA A 209 -1.30 -12.57 -11.96
CA ALA A 209 -2.30 -11.95 -12.84
C ALA A 209 -2.16 -10.42 -12.80
N TRP A 210 -2.20 -9.88 -11.59
CA TRP A 210 -2.01 -8.47 -11.35
C TRP A 210 -0.79 -7.94 -12.07
N SER A 211 0.27 -8.71 -11.96
CA SER A 211 1.55 -8.35 -12.49
C SER A 211 1.62 -8.45 -13.99
N VAL A 212 1.06 -9.50 -14.56
CA VAL A 212 0.93 -9.58 -16.04
C VAL A 212 0.26 -8.32 -16.59
N ALA A 213 -0.85 -7.91 -15.97
CA ALA A 213 -1.61 -6.78 -16.44
C ALA A 213 -0.80 -5.49 -16.35
N ARG A 214 -0.21 -5.23 -15.19
CA ARG A 214 0.51 -3.98 -14.99
C ARG A 214 1.77 -3.90 -15.82
N LEU A 215 2.53 -4.99 -15.86
CA LEU A 215 3.77 -4.99 -16.66
C LEU A 215 3.51 -4.92 -18.15
N SER A 216 2.43 -5.52 -18.63
CA SER A 216 2.02 -5.37 -20.03
C SER A 216 1.67 -3.94 -20.36
N GLN A 217 0.98 -3.25 -19.46
CA GLN A 217 0.71 -1.81 -19.66
C GLN A 217 2.00 -1.00 -19.76
N LYS A 218 2.95 -1.27 -18.87
CA LYS A 218 4.20 -0.52 -18.83
C LYS A 218 5.12 -0.81 -20.00
N PHE A 219 5.18 -2.08 -20.41
CA PHE A 219 6.11 -2.54 -21.43
C PHE A 219 5.35 -3.14 -22.60
N PRO A 220 4.52 -2.33 -23.27
CA PRO A 220 3.72 -2.92 -24.34
C PRO A 220 4.52 -3.40 -25.55
N LYS A 221 5.77 -2.95 -25.69
CA LYS A 221 6.64 -3.41 -26.76
C LYS A 221 7.17 -4.83 -26.53
N ALA A 222 7.22 -5.27 -25.28
CA ALA A 222 7.79 -6.56 -24.95
C ALA A 222 6.87 -7.69 -25.40
N ASP A 223 7.45 -8.84 -25.77
CA ASP A 223 6.61 -9.99 -26.15
C ASP A 223 6.14 -10.78 -24.93
N PHE A 224 5.19 -11.69 -25.13
CA PHE A 224 4.59 -12.43 -24.01
C PHE A 224 5.63 -13.21 -23.21
N ALA A 225 6.65 -13.73 -23.89
CA ALA A 225 7.73 -14.46 -23.24
C ALA A 225 8.56 -13.58 -22.30
N GLU A 226 8.88 -12.36 -22.74
CA GLU A 226 9.60 -11.42 -21.88
C GLU A 226 8.79 -11.01 -20.68
N VAL A 227 7.54 -10.60 -20.92
CA VAL A 227 6.69 -10.18 -19.84
C VAL A 227 6.58 -11.34 -18.84
N SER A 228 6.41 -12.57 -19.34
CA SER A 228 6.23 -13.76 -18.45
C SER A 228 7.46 -14.04 -17.58
N LYS A 229 8.61 -13.93 -18.21
CA LYS A 229 9.88 -14.06 -17.54
C LYS A 229 9.97 -13.07 -16.38
N ILE A 230 9.70 -11.81 -16.68
CA ILE A 230 9.81 -10.74 -15.70
C ILE A 230 8.79 -10.96 -14.59
N VAL A 231 7.56 -11.28 -14.99
CA VAL A 231 6.51 -11.57 -14.02
C VAL A 231 6.92 -12.73 -13.10
N THR A 232 7.41 -13.80 -13.67
CA THR A 232 7.89 -14.94 -12.87
C THR A 232 8.96 -14.49 -11.88
N ASP A 233 9.94 -13.75 -12.35
CA ASP A 233 11.04 -13.31 -11.47
C ASP A 233 10.63 -12.29 -10.42
N LEU A 234 9.82 -11.32 -10.82
CA LEU A 234 9.33 -10.32 -9.88
C LEU A 234 8.38 -10.90 -8.82
N THR A 235 7.58 -11.88 -9.20
CA THR A 235 6.70 -12.56 -8.24
C THR A 235 7.52 -13.30 -7.19
N LYS A 236 8.60 -13.93 -7.61
CA LYS A 236 9.47 -14.60 -6.67
C LYS A 236 10.12 -13.57 -5.72
N VAL A 237 10.52 -12.43 -6.26
CA VAL A 237 11.11 -11.36 -5.45
C VAL A 237 10.11 -10.97 -4.37
N HIS A 238 8.89 -10.61 -4.78
CA HIS A 238 7.88 -10.17 -3.79
C HIS A 238 7.45 -11.26 -2.82
N LYS A 239 7.34 -12.51 -3.29
CA LYS A 239 7.04 -13.62 -2.36
C LYS A 239 8.13 -13.69 -1.28
N GLU A 240 9.39 -13.62 -1.66
CA GLU A 240 10.50 -13.67 -0.65
C GLU A 240 10.48 -12.49 0.36
N CYS A 241 10.34 -11.27 -0.15
CA CYS A 241 10.27 -10.08 0.73
C CYS A 241 9.04 -10.10 1.65
N CYS A 242 7.90 -10.54 1.13
CA CYS A 242 6.69 -10.64 1.96
C CYS A 242 6.80 -11.73 3.02
N HIS A 243 7.62 -12.75 2.78
CA HIS A 243 7.85 -13.83 3.74
C HIS A 243 9.04 -13.56 4.69
N GLY A 244 9.55 -12.33 4.67
CA GLY A 244 10.67 -11.95 5.52
C GLY A 244 12.04 -12.43 5.09
N ASP A 245 12.18 -12.99 3.88
CA ASP A 245 13.51 -13.43 3.36
C ASP A 245 14.17 -12.31 2.55
N LEU A 246 14.57 -11.28 3.28
CA LEU A 246 14.96 -10.02 2.68
C LEU A 246 16.27 -10.11 1.89
N LEU A 247 17.25 -10.86 2.41
CA LEU A 247 18.52 -11.07 1.70
C LEU A 247 18.33 -11.72 0.35
N GLU A 248 17.49 -12.75 0.28
CA GLU A 248 17.24 -13.46 -0.95
C GLU A 248 16.41 -12.58 -1.89
N CYS A 249 15.44 -11.87 -1.33
CA CYS A 249 14.65 -10.89 -2.07
C CYS A 249 15.52 -9.82 -2.70
N ALA A 250 16.47 -9.27 -1.95
CA ALA A 250 17.36 -8.23 -2.50
C ALA A 250 18.27 -8.76 -3.60
N ASP A 251 18.79 -9.95 -3.41
CA ASP A 251 19.72 -10.53 -4.37
C ASP A 251 18.98 -10.81 -5.69
N ASP A 252 17.81 -11.43 -5.58
CA ASP A 252 16.98 -11.72 -6.75
C ASP A 252 16.49 -10.44 -7.43
N ARG A 253 16.14 -9.43 -6.66
CA ARG A 253 15.75 -8.14 -7.24
C ARG A 253 16.89 -7.50 -8.07
N ALA A 254 18.13 -7.64 -7.62
CA ALA A 254 19.28 -7.07 -8.35
C ALA A 254 19.51 -7.82 -9.63
N ASP A 255 19.40 -9.14 -9.58
CA ASP A 255 19.47 -9.94 -10.79
C ASP A 255 18.40 -9.55 -11.78
N LEU A 256 17.18 -9.23 -11.30
CA LEU A 256 16.07 -8.84 -12.19
C LEU A 256 16.33 -7.51 -12.87
N ALA A 257 16.77 -6.52 -12.09
CA ALA A 257 17.15 -5.22 -12.62
C ALA A 257 18.23 -5.35 -13.71
N LYS A 258 19.21 -6.19 -13.45
CA LYS A 258 20.27 -6.48 -14.43
C LYS A 258 19.73 -7.08 -15.72
N TYR A 259 18.86 -8.07 -15.59
CA TYR A 259 18.22 -8.68 -16.73
C TYR A 259 17.43 -7.67 -17.55
N ILE A 260 16.56 -6.91 -16.90
CA ILE A 260 15.73 -5.90 -17.60
C ILE A 260 16.63 -4.92 -18.38
N CYS A 261 17.69 -4.43 -17.74
CA CYS A 261 18.59 -3.45 -18.37
C CYS A 261 19.43 -4.02 -19.52
N GLU A 262 19.81 -5.29 -19.42
CA GLU A 262 20.48 -5.97 -20.54
C GLU A 262 19.55 -6.24 -21.71
N HIS A 263 18.24 -6.33 -21.46
CA HIS A 263 17.25 -6.54 -22.51
C HIS A 263 16.38 -5.32 -22.75
N GLN A 264 16.88 -4.13 -22.39
CA GLN A 264 16.03 -2.94 -22.43
C GLN A 264 15.48 -2.58 -23.82
N ASP A 265 16.26 -2.76 -24.88
CA ASP A 265 15.80 -2.46 -26.26
C ASP A 265 14.57 -3.28 -26.66
N SER A 266 14.49 -4.55 -26.27
CA SER A 266 13.30 -5.35 -26.54
C SER A 266 12.16 -5.08 -25.52
N ILE A 267 12.47 -4.57 -24.33
CA ILE A 267 11.46 -4.31 -23.31
C ILE A 267 10.80 -2.92 -23.39
N SER A 268 11.57 -1.83 -23.43
CA SER A 268 10.99 -0.48 -23.42
C SER A 268 12.00 0.61 -23.59
N GLY A 269 11.66 1.60 -24.41
CA GLY A 269 12.51 2.80 -24.60
C GLY A 269 12.62 3.67 -23.37
N LYS A 270 11.69 3.56 -22.43
CA LYS A 270 11.74 4.38 -21.22
C LYS A 270 12.75 3.89 -20.18
N LEU A 271 13.42 2.76 -20.41
CA LEU A 271 14.32 2.20 -19.40
C LEU A 271 15.74 2.79 -19.43
N LYS A 272 16.13 3.37 -20.57
CA LYS A 272 17.47 3.95 -20.77
C LYS A 272 17.94 4.80 -19.59
N ALA A 273 17.12 5.75 -19.18
CA ALA A 273 17.47 6.62 -18.04
C ALA A 273 17.71 5.83 -16.74
N CYS A 274 16.81 4.90 -16.46
CA CYS A 274 16.94 4.00 -15.30
C CYS A 274 18.17 3.15 -15.36
N CYS A 275 18.49 2.63 -16.53
CA CYS A 275 19.60 1.68 -16.64
C CYS A 275 21.02 2.27 -16.57
N ASP A 276 21.16 3.60 -16.60
CA ASP A 276 22.46 4.30 -16.41
C ASP A 276 22.59 4.83 -14.97
N LYS A 277 21.91 4.20 -14.01
CA LYS A 277 21.96 4.63 -12.61
C LYS A 277 22.60 3.55 -11.72
N PRO A 278 22.96 3.91 -10.47
CA PRO A 278 23.49 2.90 -9.53
C PRO A 278 22.39 1.93 -9.02
N LEU A 279 22.79 0.80 -8.44
CA LEU A 279 21.91 -0.36 -8.26
C LEU A 279 20.53 -0.05 -7.63
N LEU A 280 20.51 0.45 -6.40
CA LEU A 280 19.26 0.74 -5.72
C LEU A 280 18.43 1.71 -6.54
N GLN A 281 19.09 2.74 -7.06
CA GLN A 281 18.44 3.74 -7.91
C GLN A 281 17.82 3.08 -9.13
N LYS A 282 18.54 2.16 -9.74
CA LYS A 282 18.14 1.47 -10.97
C LYS A 282 16.88 0.65 -10.70
N SER A 283 16.88 -0.15 -9.65
CA SER A 283 15.70 -0.96 -9.30
C SER A 283 14.50 -0.08 -9.07
N HIS A 284 14.67 0.95 -8.23
CA HIS A 284 13.59 1.89 -7.94
C HIS A 284 13.08 2.54 -9.22
N CYS A 285 14.00 2.96 -10.09
CA CYS A 285 13.59 3.64 -11.32
C CYS A 285 12.78 2.71 -12.22
N ILE A 286 13.23 1.47 -12.38
CA ILE A 286 12.47 0.47 -13.15
C ILE A 286 11.07 0.31 -12.53
N ALA A 287 11.02 0.17 -11.21
CA ALA A 287 9.74 -0.03 -10.51
C ALA A 287 8.73 1.09 -10.78
N GLU A 288 9.21 2.33 -10.95
CA GLU A 288 8.32 3.49 -11.12
C GLU A 288 8.28 3.99 -12.55
N VAL A 289 8.83 3.22 -13.46
CA VAL A 289 8.97 3.66 -14.84
C VAL A 289 7.60 3.96 -15.47
N LYS A 290 7.59 4.99 -16.31
CA LYS A 290 6.38 5.40 -17.01
C LYS A 290 6.13 4.42 -18.16
N GLU A 291 4.87 4.31 -18.53
CA GLU A 291 4.45 3.39 -19.60
C GLU A 291 5.05 3.78 -20.92
N ASP A 292 5.51 2.79 -21.68
CA ASP A 292 6.06 3.04 -23.00
C ASP A 292 4.95 3.44 -23.99
N ASP A 293 5.34 4.12 -25.08
CA ASP A 293 4.40 4.38 -26.17
C ASP A 293 3.88 3.07 -26.75
N LEU A 294 2.63 3.08 -27.17
CA LEU A 294 2.09 1.94 -27.87
C LEU A 294 2.85 1.69 -29.17
N PRO A 295 3.23 0.43 -29.44
CA PRO A 295 3.83 0.18 -30.76
C PRO A 295 2.76 0.24 -31.86
N SER A 296 3.18 0.63 -33.06
CA SER A 296 2.26 0.74 -34.19
C SER A 296 1.80 -0.60 -34.78
N ASP A 297 2.45 -1.70 -34.39
CA ASP A 297 2.10 -3.06 -34.86
C ASP A 297 1.37 -3.94 -33.82
N LEU A 298 0.79 -3.36 -32.79
CA LEU A 298 -0.08 -4.14 -31.91
C LEU A 298 -1.11 -4.92 -32.74
N PRO A 299 -1.33 -6.22 -32.43
CA PRO A 299 -2.20 -7.07 -33.24
C PRO A 299 -3.68 -6.80 -32.99
N ALA A 300 -4.51 -7.01 -34.01
CA ALA A 300 -5.96 -7.00 -33.86
C ALA A 300 -6.25 -8.27 -33.05
N LEU A 301 -7.10 -8.17 -32.05
CA LEU A 301 -7.36 -9.28 -31.15
C LEU A 301 -8.59 -10.13 -31.46
N ALA A 302 -9.48 -9.65 -32.32
CA ALA A 302 -10.72 -10.37 -32.63
C ALA A 302 -10.51 -11.76 -33.26
N ALA A 303 -9.55 -11.86 -34.19
CA ALA A 303 -9.30 -13.11 -34.90
C ALA A 303 -9.02 -14.24 -33.91
N ASP A 304 -8.05 -14.01 -33.01
CA ASP A 304 -7.64 -15.01 -32.04
C ASP A 304 -8.64 -15.25 -30.88
N PHE A 305 -9.27 -14.19 -30.40
CA PHE A 305 -10.03 -14.25 -29.15
C PHE A 305 -11.56 -14.26 -29.26
N ALA A 306 -12.08 -13.91 -30.44
CA ALA A 306 -13.52 -13.94 -30.69
C ALA A 306 -13.91 -14.72 -31.92
N GLU A 307 -13.11 -14.71 -32.99
CA GLU A 307 -13.54 -15.29 -34.27
C GLU A 307 -12.98 -16.67 -34.56
N ASP A 308 -11.83 -17.03 -33.98
CA ASP A 308 -11.28 -18.37 -34.23
C ASP A 308 -12.29 -19.45 -33.82
N LYS A 309 -12.42 -20.45 -34.69
CA LYS A 309 -13.40 -21.53 -34.51
C LYS A 309 -13.01 -22.58 -33.45
N GLU A 310 -11.74 -22.59 -33.02
CA GLU A 310 -11.26 -23.61 -32.08
C GLU A 310 -10.89 -23.05 -30.70
N ILE A 311 -11.47 -21.90 -30.35
CA ILE A 311 -11.21 -21.25 -29.06
C ILE A 311 -11.55 -22.15 -27.89
N CYS A 312 -12.67 -22.87 -27.95
CA CYS A 312 -13.04 -23.79 -26.88
C CYS A 312 -11.99 -24.91 -26.68
N LYS A 313 -11.48 -25.48 -27.77
CA LYS A 313 -10.42 -26.50 -27.68
C LYS A 313 -9.11 -25.93 -27.08
N HIS A 314 -8.72 -24.75 -27.53
CA HIS A 314 -7.51 -24.08 -27.03
C HIS A 314 -7.67 -23.64 -25.59
N TYR A 315 -8.87 -23.16 -25.26
CA TYR A 315 -9.22 -22.80 -23.90
C TYR A 315 -9.17 -24.05 -23.00
N LYS A 316 -9.89 -25.10 -23.40
CA LYS A 316 -9.92 -26.38 -22.67
C LYS A 316 -8.54 -27.01 -22.49
N ASP A 317 -7.68 -26.90 -23.51
CA ASP A 317 -6.30 -27.48 -23.46
C ASP A 317 -5.38 -26.82 -22.44
N ALA A 318 -5.33 -25.48 -22.47
CA ALA A 318 -4.38 -24.73 -21.65
C ALA A 318 -4.99 -23.42 -21.18
N LYS A 319 -5.92 -23.54 -20.23
CA LYS A 319 -6.72 -22.41 -19.75
C LYS A 319 -5.85 -21.23 -19.30
N ASP A 320 -4.97 -21.51 -18.34
CA ASP A 320 -4.12 -20.48 -17.70
C ASP A 320 -3.19 -19.78 -18.69
N VAL A 321 -2.81 -20.48 -19.77
CA VAL A 321 -1.95 -19.91 -20.83
C VAL A 321 -2.75 -19.05 -21.81
N PHE A 322 -3.86 -19.60 -22.29
CA PHE A 322 -4.74 -18.89 -23.22
C PHE A 322 -5.20 -17.56 -22.59
N LEU A 323 -5.65 -17.62 -21.34
CA LEU A 323 -6.12 -16.44 -20.61
C LEU A 323 -5.02 -15.45 -20.30
N GLY A 324 -3.84 -15.98 -19.99
CA GLY A 324 -2.67 -15.16 -19.77
C GLY A 324 -2.34 -14.34 -20.98
N THR A 325 -2.35 -14.96 -22.15
CA THR A 325 -2.03 -14.25 -23.40
C THR A 325 -3.11 -13.21 -23.67
N PHE A 326 -4.38 -13.58 -23.44
CA PHE A 326 -5.45 -12.60 -23.52
C PHE A 326 -5.17 -11.38 -22.64
N LEU A 327 -4.83 -11.65 -21.39
CA LEU A 327 -4.63 -10.59 -20.42
C LEU A 327 -3.44 -9.71 -20.83
N TYR A 328 -2.35 -10.36 -21.26
CA TYR A 328 -1.17 -9.64 -21.77
C TYR A 328 -1.55 -8.72 -22.91
N GLU A 329 -2.29 -9.26 -23.88
CA GLU A 329 -2.63 -8.47 -25.08
C GLU A 329 -3.58 -7.33 -24.82
N TYR A 330 -4.62 -7.59 -24.03
CA TYR A 330 -5.62 -6.54 -23.75
C TYR A 330 -5.01 -5.45 -22.88
N SER A 331 -4.16 -5.85 -21.93
CA SER A 331 -3.53 -4.93 -21.03
C SER A 331 -2.53 -4.01 -21.73
N ARG A 332 -1.72 -4.55 -22.60
CA ARG A 332 -0.73 -3.69 -23.27
C ARG A 332 -1.34 -2.58 -24.12
N ARG A 333 -2.53 -2.86 -24.64
CA ARG A 333 -3.37 -1.95 -25.44
C ARG A 333 -4.15 -0.97 -24.58
N HIS A 334 -4.22 -1.21 -23.26
CA HIS A 334 -5.04 -0.39 -22.37
C HIS A 334 -4.34 0.18 -21.13
N PRO A 335 -3.37 1.09 -21.37
CA PRO A 335 -2.81 1.84 -20.26
C PRO A 335 -3.83 2.82 -19.66
N ASP A 336 -4.90 3.13 -20.42
CA ASP A 336 -6.02 3.91 -19.90
C ASP A 336 -6.97 3.19 -18.92
N TYR A 337 -6.82 1.88 -18.73
CA TYR A 337 -7.60 1.16 -17.71
C TYR A 337 -6.79 0.89 -16.43
N SER A 338 -7.51 0.75 -15.32
CA SER A 338 -6.90 0.31 -14.07
C SER A 338 -6.60 -1.18 -14.11
N VAL A 339 -5.69 -1.63 -13.26
CA VAL A 339 -5.33 -3.03 -13.24
C VAL A 339 -6.53 -3.90 -12.87
N SER A 340 -7.28 -3.49 -11.85
CA SER A 340 -8.42 -4.29 -11.42
C SER A 340 -9.51 -4.36 -12.51
N LEU A 341 -9.70 -3.27 -13.26
CA LEU A 341 -10.60 -3.30 -14.42
C LEU A 341 -10.17 -4.39 -15.43
N LEU A 342 -8.87 -4.42 -15.76
CA LEU A 342 -8.32 -5.45 -16.64
C LEU A 342 -8.50 -6.86 -16.10
N LEU A 343 -8.31 -7.02 -14.80
CA LEU A 343 -8.58 -8.30 -14.16
C LEU A 343 -10.08 -8.65 -14.21
N ARG A 344 -10.96 -7.67 -14.01
CA ARG A 344 -12.41 -7.94 -14.19
C ARG A 344 -12.72 -8.34 -15.63
N ILE A 345 -12.11 -7.64 -16.58
CA ILE A 345 -12.30 -7.93 -17.99
C ILE A 345 -11.86 -9.37 -18.29
N ALA A 346 -10.67 -9.75 -17.82
CA ALA A 346 -10.19 -11.13 -17.96
C ALA A 346 -11.13 -12.17 -17.33
N LYS A 347 -11.64 -11.89 -16.15
CA LYS A 347 -12.60 -12.81 -15.56
C LYS A 347 -13.91 -12.87 -16.37
N THR A 348 -14.32 -11.76 -16.97
CA THR A 348 -15.52 -11.81 -17.81
C THR A 348 -15.27 -12.57 -19.11
N TYR A 349 -14.06 -12.45 -19.65
CA TYR A 349 -13.69 -13.22 -20.83
C TYR A 349 -13.78 -14.72 -20.53
N GLU A 350 -13.11 -15.13 -19.46
CA GLU A 350 -13.15 -16.51 -18.99
C GLU A 350 -14.57 -17.00 -18.80
N ALA A 351 -15.38 -16.26 -18.05
CA ALA A 351 -16.76 -16.69 -17.79
C ALA A 351 -17.57 -16.80 -19.08
N THR A 352 -17.35 -15.89 -20.03
CA THR A 352 -18.06 -15.95 -21.30
C THR A 352 -17.71 -17.23 -22.03
N LEU A 353 -16.42 -17.58 -22.06
CA LEU A 353 -15.98 -18.84 -22.66
C LEU A 353 -16.56 -20.09 -21.97
N GLU A 354 -16.45 -20.20 -20.64
CA GLU A 354 -17.09 -21.34 -19.90
C GLU A 354 -18.57 -21.52 -20.28
N LYS A 355 -19.31 -20.42 -20.39
CA LYS A 355 -20.71 -20.46 -20.78
C LYS A 355 -20.87 -20.90 -22.24
N CYS A 356 -20.27 -20.15 -23.17
CA CYS A 356 -20.45 -20.42 -24.59
C CYS A 356 -19.99 -21.82 -25.02
N CYS A 357 -18.90 -22.30 -24.42
CA CYS A 357 -18.36 -23.62 -24.77
C CYS A 357 -19.15 -24.80 -24.23
N ALA A 358 -20.16 -24.56 -23.39
CA ALA A 358 -21.05 -25.63 -22.93
C ALA A 358 -22.43 -25.57 -23.62
N GLU A 359 -22.62 -24.62 -24.52
CA GLU A 359 -23.78 -24.52 -25.41
C GLU A 359 -23.53 -25.23 -26.74
N ALA A 360 -24.59 -25.37 -27.54
CA ALA A 360 -24.55 -26.10 -28.81
C ALA A 360 -23.63 -25.51 -29.90
N ASP A 361 -23.69 -24.18 -30.04
CA ASP A 361 -22.98 -23.46 -31.09
C ASP A 361 -22.09 -22.42 -30.42
N PRO A 362 -20.95 -22.85 -29.85
CA PRO A 362 -20.12 -21.89 -29.15
C PRO A 362 -19.67 -20.67 -29.97
N PRO A 363 -19.19 -20.84 -31.22
CA PRO A 363 -18.75 -19.67 -32.01
C PRO A 363 -19.72 -18.48 -32.08
N ALA A 364 -21.00 -18.73 -32.36
CA ALA A 364 -21.99 -17.65 -32.41
C ALA A 364 -22.23 -16.99 -31.04
N CYS A 365 -22.01 -17.76 -29.98
CA CYS A 365 -22.09 -17.25 -28.62
C CYS A 365 -20.85 -16.40 -28.21
N TYR A 366 -19.64 -16.86 -28.49
CA TYR A 366 -18.47 -16.10 -28.06
C TYR A 366 -18.01 -15.00 -29.04
N ARG A 367 -18.65 -14.90 -30.21
CA ARG A 367 -18.30 -13.86 -31.18
C ARG A 367 -18.47 -12.45 -30.62
N THR A 368 -19.38 -12.26 -29.67
CA THR A 368 -19.61 -10.95 -29.04
C THR A 368 -18.90 -10.76 -27.69
N VAL A 369 -17.91 -11.58 -27.36
CA VAL A 369 -17.24 -11.51 -26.06
C VAL A 369 -16.66 -10.11 -25.71
N PHE A 370 -16.06 -9.41 -26.67
CA PHE A 370 -15.47 -8.08 -26.41
C PHE A 370 -16.55 -7.05 -26.02
N ASP A 371 -17.73 -7.21 -26.58
CA ASP A 371 -18.86 -6.32 -26.27
C ASP A 371 -19.36 -6.48 -24.82
N GLN A 372 -19.12 -7.63 -24.21
CA GLN A 372 -19.40 -7.84 -22.76
C GLN A 372 -18.54 -6.94 -21.84
N PHE A 373 -17.43 -6.42 -22.35
CA PHE A 373 -16.56 -5.55 -21.54
C PHE A 373 -17.07 -4.13 -21.41
N THR A 374 -17.89 -3.71 -22.35
CA THR A 374 -18.33 -2.33 -22.44
C THR A 374 -18.88 -1.81 -21.12
N PRO A 375 -19.81 -2.56 -20.48
CA PRO A 375 -20.34 -2.08 -19.20
C PRO A 375 -19.30 -2.06 -18.08
N LEU A 376 -18.35 -2.98 -18.11
CA LEU A 376 -17.31 -3.03 -17.09
C LEU A 376 -16.45 -1.77 -17.17
N VAL A 377 -16.19 -1.29 -18.39
CA VAL A 377 -15.38 -0.10 -18.60
C VAL A 377 -16.14 1.18 -18.23
N GLU A 378 -17.43 1.24 -18.52
CA GLU A 378 -18.13 2.50 -18.35
C GLU A 378 -18.46 2.85 -16.90
N GLU A 379 -18.73 1.86 -16.05
CA GLU A 379 -19.02 2.15 -14.63
C GLU A 379 -17.84 2.89 -13.92
N PRO A 380 -16.65 2.30 -13.92
CA PRO A 380 -15.57 2.99 -13.24
C PRO A 380 -15.27 4.35 -13.87
N LYS A 381 -15.36 4.47 -15.21
CA LYS A 381 -15.11 5.74 -15.90
C LYS A 381 -16.04 6.84 -15.44
N SER A 382 -17.31 6.48 -15.24
CA SER A 382 -18.32 7.40 -14.76
C SER A 382 -18.12 7.71 -13.30
N LEU A 383 -17.87 6.70 -12.49
CA LEU A 383 -17.54 6.94 -11.09
C LEU A 383 -16.34 7.93 -10.91
N VAL A 384 -15.30 7.82 -11.74
CA VAL A 384 -14.13 8.71 -11.65
C VAL A 384 -14.43 10.14 -12.12
N LYS A 385 -15.10 10.26 -13.26
CA LYS A 385 -15.48 11.59 -13.77
C LYS A 385 -16.41 12.30 -12.79
N LYS A 386 -17.36 11.55 -12.24
CA LYS A 386 -18.25 12.05 -11.21
C LYS A 386 -17.51 12.55 -9.97
N ASN A 387 -16.56 11.77 -9.46
CA ASN A 387 -15.86 12.19 -8.25
C ASN A 387 -14.83 13.28 -8.50
N CYS A 388 -14.19 13.29 -9.66
CA CYS A 388 -13.31 14.42 -10.02
C CYS A 388 -14.08 15.75 -10.18
N ASP A 389 -15.34 15.67 -10.62
CA ASP A 389 -16.25 16.84 -10.63
C ASP A 389 -16.56 17.36 -9.24
N LEU A 390 -16.95 16.48 -8.32
CA LEU A 390 -17.21 16.89 -6.95
C LEU A 390 -15.93 17.52 -6.40
N PHE A 391 -14.80 16.89 -6.68
CA PHE A 391 -13.51 17.35 -6.18
C PHE A 391 -13.16 18.78 -6.68
N GLU A 392 -13.27 19.00 -7.98
CA GLU A 392 -12.99 20.32 -8.55
C GLU A 392 -13.98 21.40 -8.07
N GLU A 393 -15.23 21.00 -7.85
CA GLU A 393 -16.30 21.86 -7.28
C GLU A 393 -15.94 22.29 -5.85
N VAL A 394 -15.55 21.34 -5.00
CA VAL A 394 -15.51 21.60 -3.55
C VAL A 394 -14.13 21.64 -2.89
N GLY A 395 -13.11 21.14 -3.56
CA GLY A 395 -11.77 21.13 -3.00
C GLY A 395 -11.53 19.96 -2.06
N GLU A 396 -10.27 19.80 -1.66
CA GLU A 396 -9.86 18.59 -0.98
C GLU A 396 -10.59 18.28 0.34
N TYR A 397 -10.69 19.27 1.22
CA TYR A 397 -11.25 19.09 2.56
C TYR A 397 -12.71 18.59 2.50
N ASP A 398 -13.53 19.23 1.68
CA ASP A 398 -14.93 18.81 1.62
C ASP A 398 -15.11 17.50 0.89
N PHE A 399 -14.22 17.20 -0.06
CA PHE A 399 -14.23 15.95 -0.74
C PHE A 399 -13.94 14.84 0.26
N GLN A 400 -12.90 15.04 1.05
CA GLN A 400 -12.64 14.18 2.19
C GLN A 400 -13.87 13.99 3.07
N ASN A 401 -14.55 15.09 3.41
CA ASN A 401 -15.74 15.02 4.27
C ASN A 401 -16.82 14.18 3.68
N ALA A 402 -17.04 14.33 2.38
CA ALA A 402 -18.07 13.59 1.68
C ALA A 402 -17.73 12.10 1.74
N LEU A 403 -16.45 11.75 1.59
CA LEU A 403 -16.05 10.36 1.61
C LEU A 403 -16.18 9.77 3.00
N ILE A 404 -15.87 10.58 4.00
CA ILE A 404 -16.04 10.18 5.40
C ILE A 404 -17.51 9.81 5.68
N VAL A 405 -18.41 10.65 5.22
CA VAL A 405 -19.82 10.38 5.39
C VAL A 405 -20.17 9.10 4.64
N ARG A 406 -19.69 8.97 3.42
CA ARG A 406 -19.98 7.81 2.59
C ARG A 406 -19.48 6.52 3.26
N TYR A 407 -18.24 6.49 3.74
CA TYR A 407 -17.70 5.26 4.34
C TYR A 407 -18.25 4.95 5.74
N THR A 408 -18.58 5.99 6.50
CA THR A 408 -19.17 5.83 7.84
C THR A 408 -20.56 5.23 7.74
N LYS A 409 -21.34 5.65 6.73
CA LYS A 409 -22.61 5.02 6.41
C LYS A 409 -22.48 3.55 6.00
N LYS A 410 -21.45 3.24 5.21
CA LYS A 410 -21.20 1.86 4.79
C LYS A 410 -20.80 0.94 5.96
N ALA A 411 -20.02 1.48 6.88
CA ALA A 411 -19.44 0.65 7.93
C ALA A 411 -19.28 1.44 9.23
N PRO A 412 -20.41 1.73 9.89
CA PRO A 412 -20.35 2.62 11.06
C PRO A 412 -19.75 1.96 12.29
N GLN A 413 -19.53 0.65 12.23
CA GLN A 413 -18.87 -0.10 13.29
C GLN A 413 -17.36 0.13 13.30
N VAL A 414 -16.80 0.62 12.21
CA VAL A 414 -15.36 0.87 12.12
C VAL A 414 -15.03 2.06 13.01
N SER A 415 -13.83 2.02 13.58
CA SER A 415 -13.39 3.08 14.47
C SER A 415 -13.33 4.43 13.76
N THR A 416 -13.54 5.49 14.54
CA THR A 416 -13.55 6.83 13.99
C THR A 416 -12.19 7.21 13.39
N PRO A 417 -11.06 6.90 14.08
CA PRO A 417 -9.76 7.18 13.47
C PRO A 417 -9.55 6.51 12.13
N THR A 418 -9.94 5.24 12.00
CA THR A 418 -9.83 4.52 10.71
C THR A 418 -10.76 5.11 9.62
N LEU A 419 -11.96 5.47 10.01
CA LEU A 419 -12.88 6.05 9.06
C LEU A 419 -12.34 7.39 8.56
N VAL A 420 -11.77 8.19 9.46
CA VAL A 420 -11.22 9.49 9.08
C VAL A 420 -10.00 9.29 8.19
N GLU A 421 -9.09 8.39 8.60
CA GLU A 421 -7.91 8.06 7.80
C GLU A 421 -8.26 7.67 6.38
N ILE A 422 -9.22 6.76 6.19
CA ILE A 422 -9.50 6.31 4.82
C ILE A 422 -10.13 7.42 3.99
N GLY A 423 -11.03 8.17 4.60
CA GLY A 423 -11.67 9.28 3.93
C GLY A 423 -10.65 10.33 3.53
N ARG A 424 -9.73 10.64 4.44
CA ARG A 424 -8.66 11.56 4.12
C ARG A 424 -7.77 11.00 3.03
N THR A 425 -7.44 9.71 3.09
CA THR A 425 -6.56 9.11 2.08
C THR A 425 -7.21 9.18 0.71
N LEU A 426 -8.49 8.84 0.63
CA LEU A 426 -9.20 8.86 -0.66
C LEU A 426 -9.42 10.25 -1.22
N GLY A 427 -9.61 11.23 -0.34
CA GLY A 427 -9.59 12.61 -0.76
C GLY A 427 -8.28 13.05 -1.40
N LYS A 428 -7.16 12.60 -0.86
CA LYS A 428 -5.84 12.91 -1.47
C LYS A 428 -5.65 12.28 -2.83
N VAL A 429 -6.23 11.09 -3.01
CA VAL A 429 -6.27 10.47 -4.32
C VAL A 429 -6.94 11.36 -5.37
N GLY A 430 -8.00 12.06 -4.99
CA GLY A 430 -8.63 13.01 -5.88
C GLY A 430 -7.69 14.14 -6.23
N SER A 431 -6.96 14.67 -5.25
CA SER A 431 -5.97 15.73 -5.50
C SER A 431 -4.91 15.29 -6.51
N ARG A 432 -4.32 14.13 -6.28
CA ARG A 432 -3.33 13.55 -7.18
C ARG A 432 -3.93 13.28 -8.56
N CYS A 433 -4.97 12.46 -8.62
CA CYS A 433 -5.42 11.87 -9.89
C CYS A 433 -6.25 12.79 -10.75
N CYS A 434 -7.13 13.57 -10.16
CA CYS A 434 -8.05 14.43 -10.92
C CYS A 434 -7.33 15.53 -11.68
N LYS A 435 -6.13 15.90 -11.23
CA LYS A 435 -5.34 16.93 -11.91
C LYS A 435 -4.61 16.38 -13.12
N LEU A 436 -4.51 15.06 -13.25
CA LEU A 436 -3.80 14.44 -14.37
C LEU A 436 -4.58 14.62 -15.68
N PRO A 437 -3.88 14.46 -16.84
CA PRO A 437 -4.59 14.32 -18.12
C PRO A 437 -5.68 13.27 -18.00
N GLU A 438 -6.78 13.46 -18.71
CA GLU A 438 -7.98 12.72 -18.41
C GLU A 438 -7.86 11.22 -18.61
N SER A 439 -7.08 10.78 -19.59
CA SER A 439 -6.91 9.36 -19.86
C SER A 439 -6.17 8.60 -18.76
N GLU A 440 -5.45 9.33 -17.91
CA GLU A 440 -4.72 8.76 -16.79
C GLU A 440 -5.53 8.74 -15.50
N ARG A 441 -6.69 9.42 -15.50
CA ARG A 441 -7.45 9.57 -14.26
C ARG A 441 -7.97 8.24 -13.71
N LEU A 442 -8.54 7.42 -14.60
CA LEU A 442 -9.08 6.11 -14.26
C LEU A 442 -8.03 5.19 -13.62
N PRO A 443 -6.91 4.89 -14.31
CA PRO A 443 -5.90 4.04 -13.62
C PRO A 443 -5.39 4.66 -12.33
N CYS A 444 -5.05 5.94 -12.34
CA CYS A 444 -4.58 6.60 -11.11
C CYS A 444 -5.57 6.41 -9.96
N SER A 445 -6.84 6.77 -10.20
CA SER A 445 -7.86 6.73 -9.15
C SER A 445 -8.08 5.33 -8.62
N GLU A 446 -8.31 4.38 -9.52
CA GLU A 446 -8.69 3.04 -9.09
C GLU A 446 -7.48 2.26 -8.54
N ASN A 447 -6.27 2.52 -9.05
CA ASN A 447 -5.09 1.83 -8.56
C ASN A 447 -4.80 2.30 -7.14
N HIS A 448 -4.96 3.60 -6.88
CA HIS A 448 -4.74 4.14 -5.54
C HIS A 448 -5.86 3.75 -4.56
N LEU A 449 -7.09 3.68 -5.04
CA LEU A 449 -8.21 3.23 -4.24
C LEU A 449 -7.97 1.81 -3.72
N ALA A 450 -7.42 0.93 -4.56
CA ALA A 450 -7.06 -0.41 -4.17
C ALA A 450 -6.12 -0.46 -2.98
N LEU A 451 -5.16 0.45 -2.98
CA LEU A 451 -4.19 0.53 -1.89
C LEU A 451 -4.87 0.94 -0.57
N ALA A 452 -5.77 1.91 -0.62
CA ALA A 452 -6.49 2.36 0.56
C ALA A 452 -7.49 1.27 1.03
N LEU A 453 -8.25 0.68 0.11
CA LEU A 453 -9.14 -0.40 0.49
C LEU A 453 -8.36 -1.56 1.07
N ASN A 454 -7.16 -1.83 0.55
CA ASN A 454 -6.41 -2.90 1.13
C ASN A 454 -5.96 -2.61 2.56
N ARG A 455 -5.61 -1.36 2.81
CA ARG A 455 -5.25 -0.91 4.14
C ARG A 455 -6.40 -1.16 5.11
N LEU A 456 -7.60 -0.77 4.71
CA LEU A 456 -8.81 -1.05 5.47
C LEU A 456 -8.99 -2.53 5.73
N CYS A 457 -8.83 -3.34 4.69
CA CYS A 457 -8.97 -4.79 4.84
C CYS A 457 -7.95 -5.38 5.84
N VAL A 458 -6.72 -4.89 5.78
CA VAL A 458 -5.65 -5.37 6.66
C VAL A 458 -5.98 -5.09 8.11
N LEU A 459 -6.41 -3.84 8.37
CA LEU A 459 -6.88 -3.46 9.71
C LEU A 459 -8.03 -4.36 10.16
N HIS A 460 -8.92 -4.68 9.23
CA HIS A 460 -10.09 -5.44 9.53
C HIS A 460 -9.82 -6.90 9.88
N GLU A 461 -8.73 -7.49 9.38
CA GLU A 461 -8.32 -8.83 9.78
C GLU A 461 -8.04 -8.88 11.26
N LYS A 462 -7.30 -7.89 11.72
CA LYS A 462 -6.89 -7.76 13.11
C LYS A 462 -8.06 -7.35 14.02
N THR A 463 -8.87 -6.39 13.56
CA THR A 463 -9.99 -5.84 14.32
C THR A 463 -11.28 -5.93 13.49
N PRO A 464 -11.84 -7.15 13.37
CA PRO A 464 -13.10 -7.29 12.66
C PRO A 464 -14.26 -6.59 13.39
N VAL A 465 -15.06 -5.83 12.63
CA VAL A 465 -16.24 -5.17 13.14
C VAL A 465 -17.50 -5.26 12.25
N SER A 466 -17.40 -5.71 11.01
CA SER A 466 -18.51 -5.63 10.06
C SER A 466 -18.43 -6.80 9.09
N GLU A 467 -19.51 -7.55 8.97
CA GLU A 467 -19.56 -8.68 8.05
C GLU A 467 -19.53 -8.28 6.59
N LYS A 468 -20.07 -7.10 6.29
CA LYS A 468 -20.04 -6.52 4.96
C LYS A 468 -18.61 -6.16 4.52
N ILE A 469 -17.83 -5.55 5.40
CA ILE A 469 -16.39 -5.37 5.11
C ILE A 469 -15.70 -6.70 4.90
N THR A 470 -15.98 -7.68 5.75
CA THR A 470 -15.33 -8.97 5.63
C THR A 470 -15.56 -9.59 4.25
N LYS A 471 -16.81 -9.61 3.81
CA LYS A 471 -17.13 -10.09 2.46
C LYS A 471 -16.42 -9.35 1.35
N CYS A 472 -16.40 -8.03 1.40
CA CYS A 472 -15.72 -7.25 0.35
C CYS A 472 -14.24 -7.53 0.37
N CYS A 473 -13.68 -7.71 1.56
CA CYS A 473 -12.23 -7.90 1.69
C CYS A 473 -11.77 -9.32 1.33
N THR A 474 -12.66 -10.30 1.37
CA THR A 474 -12.27 -11.72 1.16
C THR A 474 -12.85 -12.39 -0.07
N ASP A 475 -13.93 -11.86 -0.67
CA ASP A 475 -14.37 -12.36 -1.97
C ASP A 475 -13.35 -11.83 -3.01
N SER A 476 -13.55 -12.11 -4.29
CA SER A 476 -12.50 -11.81 -5.29
C SER A 476 -11.83 -10.41 -5.18
N LEU A 477 -10.50 -10.40 -5.31
CA LEU A 477 -9.71 -9.18 -5.27
C LEU A 477 -10.11 -8.21 -6.37
N ALA A 478 -10.35 -8.74 -7.56
CA ALA A 478 -10.77 -7.93 -8.70
C ALA A 478 -12.08 -7.14 -8.41
N GLU A 479 -13.00 -7.77 -7.68
CA GLU A 479 -14.30 -7.17 -7.34
C GLU A 479 -14.35 -6.31 -6.07
N ARG A 480 -13.21 -6.12 -5.44
CA ARG A 480 -13.16 -5.47 -4.15
C ARG A 480 -13.73 -4.06 -4.23
N ARG A 481 -13.25 -3.27 -5.18
CA ARG A 481 -13.70 -1.88 -5.29
C ARG A 481 -15.22 -1.77 -5.64
N PRO A 482 -15.72 -2.54 -6.62
CA PRO A 482 -17.15 -2.56 -6.85
C PRO A 482 -17.96 -3.00 -5.64
N CYS A 483 -17.42 -3.95 -4.89
CA CYS A 483 -18.10 -4.45 -3.71
C CYS A 483 -18.25 -3.33 -2.72
N PHE A 484 -17.17 -2.60 -2.46
CA PHE A 484 -17.22 -1.48 -1.54
C PHE A 484 -18.16 -0.41 -2.06
N SER A 485 -18.07 -0.09 -3.36
CA SER A 485 -18.93 0.93 -3.97
C SER A 485 -20.42 0.58 -3.81
N ALA A 486 -20.75 -0.69 -3.91
CA ALA A 486 -22.15 -1.15 -3.81
C ALA A 486 -22.68 -1.18 -2.40
N LEU A 487 -21.83 -1.07 -1.37
CA LEU A 487 -22.38 -0.97 -0.02
C LEU A 487 -23.16 0.33 0.18
N GLU A 488 -24.25 0.23 0.92
CA GLU A 488 -25.06 1.36 1.35
C GLU A 488 -25.17 1.35 2.84
N LEU A 489 -25.79 2.40 3.37
CA LEU A 489 -26.05 2.50 4.79
C LEU A 489 -26.38 1.13 5.37
N ASP A 490 -25.51 0.66 6.24
CA ASP A 490 -25.82 -0.50 7.06
C ASP A 490 -27.02 -0.15 7.93
N GLU A 491 -28.20 -0.63 7.53
CA GLU A 491 -29.45 -0.38 8.28
C GLU A 491 -29.44 -1.13 9.62
N GLY A 492 -28.73 -2.27 9.66
CA GLY A 492 -28.56 -3.08 10.88
C GLY A 492 -27.93 -2.34 12.05
N TYR A 493 -27.18 -1.27 11.75
CA TYR A 493 -26.57 -0.44 12.78
C TYR A 493 -27.65 0.18 13.67
N VAL A 494 -27.35 0.25 14.96
CA VAL A 494 -28.21 0.92 15.94
C VAL A 494 -27.51 2.25 16.16
N PRO A 495 -28.17 3.39 15.86
CA PRO A 495 -27.47 4.64 16.00
C PRO A 495 -26.75 4.70 17.31
N LYS A 496 -25.50 5.11 17.25
CA LYS A 496 -24.66 5.23 18.43
C LYS A 496 -25.35 6.22 19.34
N GLU A 497 -25.52 5.86 20.61
CA GLU A 497 -26.22 6.77 21.51
C GLU A 497 -25.41 8.02 21.75
N PHE A 498 -26.13 9.12 21.93
CA PHE A 498 -25.52 10.41 22.09
C PHE A 498 -24.62 10.55 23.32
N LYS A 499 -23.36 10.94 23.10
CA LYS A 499 -22.48 11.43 24.19
C LYS A 499 -22.06 12.84 23.80
N ALA A 500 -22.46 13.80 24.62
CA ALA A 500 -22.25 15.23 24.34
C ALA A 500 -20.76 15.62 24.34
N GLU A 501 -19.95 15.00 25.21
CA GLU A 501 -18.49 15.26 25.28
C GLU A 501 -17.74 14.89 23.99
N THR A 502 -18.26 13.92 23.24
CA THR A 502 -17.76 13.61 21.90
C THR A 502 -17.78 14.81 20.94
N PHE A 503 -18.73 15.74 21.14
CA PHE A 503 -18.89 16.91 20.28
C PHE A 503 -18.53 18.20 21.00
N THR A 504 -17.80 18.08 22.10
CA THR A 504 -17.38 19.18 22.92
C THR A 504 -15.96 19.57 22.54
N PHE A 505 -15.78 20.84 22.15
CA PHE A 505 -14.44 21.37 21.82
C PHE A 505 -13.86 22.24 22.94
N HIS A 506 -12.54 22.39 22.94
CA HIS A 506 -11.84 23.25 23.88
C HIS A 506 -10.76 24.02 23.16
N ALA A 507 -10.13 24.94 23.89
CA ALA A 507 -9.19 25.89 23.29
C ALA A 507 -7.84 25.32 22.85
N ASP A 508 -7.55 24.08 23.26
CA ASP A 508 -6.36 23.39 22.76
C ASP A 508 -6.42 23.14 21.25
N ILE A 509 -7.64 23.04 20.71
CA ILE A 509 -7.81 22.92 19.24
C ILE A 509 -7.16 24.09 18.47
N CYS A 510 -7.11 25.28 19.09
CA CYS A 510 -6.62 26.50 18.45
C CYS A 510 -5.12 26.49 18.24
N THR A 511 -4.40 25.72 19.07
CA THR A 511 -2.94 25.66 18.97
C THR A 511 -2.48 24.57 17.99
N LEU A 512 -3.42 23.79 17.44
CA LEU A 512 -3.06 22.69 16.55
C LEU A 512 -2.68 23.17 15.14
N PRO A 513 -1.73 22.46 14.48
CA PRO A 513 -1.54 22.55 13.03
C PRO A 513 -2.84 22.35 12.27
N GLU A 514 -2.93 22.97 11.09
CA GLU A 514 -4.18 22.97 10.33
C GLU A 514 -4.73 21.57 10.08
N ASP A 515 -3.85 20.69 9.60
CA ASP A 515 -4.23 19.31 9.33
C ASP A 515 -4.81 18.63 10.56
N GLU A 516 -4.23 18.88 11.73
CA GLU A 516 -4.69 18.29 12.98
C GLU A 516 -6.01 18.88 13.42
N LYS A 517 -6.17 20.18 13.21
CA LYS A 517 -7.46 20.82 13.39
C LYS A 517 -8.55 20.13 12.52
N GLN A 518 -8.23 19.88 11.26
CA GLN A 518 -9.18 19.28 10.33
C GLN A 518 -9.55 17.88 10.77
N ILE A 519 -8.57 17.14 11.28
CA ILE A 519 -8.81 15.78 11.72
C ILE A 519 -9.78 15.77 12.90
N LYS A 520 -9.63 16.73 13.81
CA LYS A 520 -10.58 16.92 14.91
C LYS A 520 -12.02 17.11 14.39
N LYS A 521 -12.17 18.02 13.42
CA LYS A 521 -13.48 18.31 12.87
C LYS A 521 -14.03 17.11 12.12
N GLN A 522 -13.17 16.43 11.37
CA GLN A 522 -13.56 15.26 10.61
C GLN A 522 -13.95 14.08 11.52
N SER A 523 -13.26 13.97 12.65
CA SER A 523 -13.64 12.98 13.65
C SER A 523 -15.04 13.26 14.17
N ALA A 524 -15.35 14.53 14.47
CA ALA A 524 -16.69 14.90 14.91
C ALA A 524 -17.69 14.56 13.81
N LEU A 525 -17.33 14.84 12.57
CA LEU A 525 -18.19 14.53 11.44
C LEU A 525 -18.58 13.03 11.46
N ALA A 526 -17.58 12.17 11.57
CA ALA A 526 -17.83 10.74 11.55
C ALA A 526 -18.75 10.34 12.69
N GLU A 527 -18.53 10.96 13.85
CA GLU A 527 -19.36 10.70 15.02
C GLU A 527 -20.79 11.20 14.83
N LEU A 528 -20.97 12.32 14.10
CA LEU A 528 -22.32 12.77 13.76
C LEU A 528 -23.03 11.75 12.92
N VAL A 529 -22.30 11.16 11.97
CA VAL A 529 -22.90 10.13 11.13
C VAL A 529 -23.28 8.91 12.00
N LYS A 530 -22.40 8.47 12.89
CA LYS A 530 -22.71 7.32 13.73
C LYS A 530 -23.95 7.57 14.59
N HIS A 531 -24.13 8.78 15.11
CA HIS A 531 -25.34 9.05 15.87
C HIS A 531 -26.60 9.29 14.99
N LYS A 532 -26.43 9.86 13.81
CA LYS A 532 -27.58 10.11 12.90
C LYS A 532 -27.26 9.56 11.54
N PRO A 533 -27.29 8.25 11.42
CA PRO A 533 -26.83 7.64 10.17
C PRO A 533 -27.70 7.85 8.95
N LYS A 534 -28.94 8.33 9.12
CA LYS A 534 -29.81 8.61 7.97
C LYS A 534 -29.76 10.06 7.59
N ALA A 535 -29.14 10.92 8.40
CA ALA A 535 -28.92 12.30 7.96
C ALA A 535 -28.34 12.36 6.54
N THR A 536 -28.79 13.29 5.70
CA THR A 536 -28.20 13.43 4.38
C THR A 536 -26.82 14.03 4.54
N LYS A 537 -25.95 13.77 3.57
CA LYS A 537 -24.64 14.41 3.56
C LYS A 537 -24.72 15.94 3.56
N GLU A 538 -25.77 16.49 2.97
CA GLU A 538 -25.98 17.94 2.98
C GLU A 538 -26.41 18.44 4.36
N GLN A 539 -27.28 17.73 5.07
CA GLN A 539 -27.50 18.06 6.48
C GLN A 539 -26.18 18.06 7.25
N LEU A 540 -25.38 17.02 7.06
CA LEU A 540 -24.13 16.83 7.85
C LEU A 540 -23.13 17.94 7.57
N LYS A 541 -23.02 18.31 6.29
CA LYS A 541 -22.13 19.42 5.92
C LYS A 541 -22.60 20.75 6.54
N THR A 542 -23.91 21.01 6.51
CA THR A 542 -24.42 22.22 7.14
C THR A 542 -24.03 22.27 8.62
N VAL A 543 -24.28 21.18 9.35
CA VAL A 543 -23.86 21.11 10.76
C VAL A 543 -22.34 21.28 10.90
N LEU A 544 -21.58 20.62 10.05
CA LEU A 544 -20.11 20.75 10.15
C LEU A 544 -19.66 22.20 9.92
N GLY A 545 -20.34 22.87 9.00
CA GLY A 545 -20.09 24.29 8.79
C GLY A 545 -20.28 25.07 10.08
N ASN A 546 -21.33 24.76 10.84
CA ASN A 546 -21.54 25.46 12.08
C ASN A 546 -20.51 25.18 13.12
N PHE A 547 -20.04 23.93 13.18
CA PHE A 547 -18.90 23.57 14.03
C PHE A 547 -17.62 24.32 13.67
N SER A 548 -17.34 24.45 12.39
CA SER A 548 -16.19 25.23 11.96
C SER A 548 -16.30 26.70 12.36
N ALA A 549 -17.43 27.33 12.09
CA ALA A 549 -17.66 28.74 12.44
C ALA A 549 -17.42 28.95 13.93
N PHE A 550 -17.92 28.01 14.73
CA PHE A 550 -17.83 28.10 16.17
C PHE A 550 -16.38 27.99 16.63
N VAL A 551 -15.62 27.08 16.03
CA VAL A 551 -14.20 26.92 16.38
C VAL A 551 -13.40 28.17 15.96
N ALA A 552 -13.62 28.67 14.75
CA ALA A 552 -12.91 29.86 14.27
C ALA A 552 -13.19 31.06 15.17
N LYS A 553 -14.46 31.21 15.55
CA LYS A 553 -14.90 32.31 16.43
C LYS A 553 -14.32 32.18 17.83
N CYS A 554 -14.48 31.01 18.44
CA CYS A 554 -13.98 30.83 19.80
C CYS A 554 -12.43 30.84 19.89
N CYS A 555 -11.75 30.48 18.80
CA CYS A 555 -10.29 30.58 18.76
C CYS A 555 -9.82 32.00 18.55
N GLY A 556 -10.68 32.87 18.00
CA GLY A 556 -10.39 34.32 17.87
C GLY A 556 -10.82 35.17 19.06
N ALA A 557 -11.39 34.53 20.08
CA ALA A 557 -12.00 35.20 21.21
C ALA A 557 -10.92 35.64 22.17
N GLU A 558 -11.19 36.69 22.96
CA GLU A 558 -10.24 37.10 24.03
C GLU A 558 -10.12 36.01 25.11
N ASP A 559 -11.27 35.44 25.50
CA ASP A 559 -11.36 34.41 26.49
C ASP A 559 -11.94 33.20 25.75
N LYS A 560 -11.01 32.41 25.21
CA LYS A 560 -11.32 31.32 24.30
C LYS A 560 -12.15 30.29 25.01
N GLU A 561 -11.72 29.90 26.22
CA GLU A 561 -12.39 28.85 26.95
C GLU A 561 -13.81 29.21 27.37
N ALA A 562 -14.00 30.45 27.83
CA ALA A 562 -15.33 30.95 28.15
C ALA A 562 -16.25 30.89 26.92
N CYS A 563 -15.68 31.17 25.74
CA CYS A 563 -16.41 31.09 24.48
C CYS A 563 -16.85 29.66 24.16
N PHE A 564 -15.89 28.73 24.19
CA PHE A 564 -16.16 27.33 23.97
C PHE A 564 -17.18 26.77 24.98
N ALA A 565 -17.10 27.20 26.24
CA ALA A 565 -18.00 26.68 27.29
C ALA A 565 -19.44 27.19 27.18
N GLU A 566 -19.60 28.45 26.79
CA GLU A 566 -20.93 29.05 26.62
C GLU A 566 -21.58 28.58 25.32
N GLU A 567 -20.80 28.53 24.25
CA GLU A 567 -21.33 28.24 22.92
C GLU A 567 -21.40 26.75 22.57
N GLY A 568 -20.57 25.93 23.19
CA GLY A 568 -20.51 24.52 22.83
C GLY A 568 -21.83 23.75 22.98
N PRO A 569 -22.44 23.80 24.18
CA PRO A 569 -23.67 23.01 24.39
C PRO A 569 -24.82 23.43 23.48
N LYS A 570 -24.90 24.71 23.13
CA LYS A 570 -25.90 25.23 22.19
C LYS A 570 -25.74 24.62 20.81
N LEU A 571 -24.51 24.64 20.33
CA LEU A 571 -24.20 24.03 19.07
C LEU A 571 -24.57 22.54 19.07
N VAL A 572 -24.22 21.88 20.16
CA VAL A 572 -24.45 20.45 20.28
C VAL A 572 -25.95 20.17 20.21
N ALA A 573 -26.75 20.86 21.02
CA ALA A 573 -28.20 20.65 21.02
C ALA A 573 -28.82 21.04 19.69
N SER A 574 -28.44 22.18 19.15
CA SER A 574 -28.94 22.61 17.82
C SER A 574 -28.70 21.55 16.77
N SER A 575 -27.45 21.07 16.69
CA SER A 575 -27.06 20.06 15.69
C SER A 575 -27.90 18.78 15.69
N GLN A 576 -28.31 18.28 16.85
CA GLN A 576 -29.21 17.12 16.87
C GLN A 576 -30.52 17.40 16.08
N LEU A 577 -31.08 18.59 16.26
CA LEU A 577 -32.32 18.95 15.60
C LEU A 577 -32.11 19.06 14.08
N ALA A 578 -30.97 19.63 13.68
CA ALA A 578 -30.59 19.78 12.26
C ALA A 578 -30.34 18.46 11.55
N LEU A 579 -30.11 17.38 12.29
CA LEU A 579 -29.81 16.09 11.69
C LEU A 579 -31.00 15.13 11.62
N ALA A 580 -32.18 15.55 12.05
CA ALA A 580 -33.33 14.66 12.09
C ALA A 580 -33.71 14.10 10.70
#